data_1YQY
#
_entry.id   1YQY
#
_cell.length_a   57.332
_cell.length_b   75.957
_cell.length_c   139.006
_cell.angle_alpha   90.00
_cell.angle_beta   90.00
_cell.angle_gamma   90.00
#
_symmetry.space_group_name_H-M   'P 21 21 21'
#
loop_
_entity.id
_entity.type
_entity.pdbx_description
1 polymer 'Lethal factor'
2 non-polymer 'ZINC ION'
3 non-polymer (2R)-2-{[(4-FLUORO-3-METHYLPHENYL)SULFONYL]AMINO}-N-HYDROXY-2-TETRAHYDRO-2H-PYRAN-4-YLACETAMIDE
4 water water
#
_entity_poly.entity_id   1
_entity_poly.type   'polypeptide(L)'
_entity_poly.pdbx_seq_one_letter_code
;GSKDPGMLSRYEKWEKIKQHYQHWSDSLSEEGRGLLKKLQIPIEPKKDDIIHSLSQEEKELLKRIQIDSSDFLSTEEKEF
LKKLQIDIRDSLSEEEKELLNRIQVDSSNPLSEKEKEFLKKLKLDIQPYDINQRLQDTGGLIDSPSINLDVRKQYKRDIQ
NIDALLHQSIGSTLYNKIYLYENMNINNLTATLGADLVDSTDNTKINRGIFNEFKKNFKYSISSNYMIVDINERPALDNE
RLKWRIQLSPDTRAGYLENGKLILQRNIGLEIKDVQIIKQSEKEYIRIDAKVVPKSKIDTKIQEAQLNINQEWNKALGLP
KYTKLITFNVHNRYASNIVESAYLILNEWKNNIQSDLIKKVTNYLVDGNGRFVFTDITLPNIAEQYTHQDEIYEQVHSKG
LYVPESRSILLHGPSKGVELRNDSEGFIHEFGHAVDDYAGYLLDKNQSDLVTNSKKFIDIFKEEGSNLTSYGRTNEAEFF
AEAFRLMHSTDHAERLKVQKNAPKTFQFINDQIKFIINSLVPR
;
_entity_poly.pdbx_strand_id   A
#
# COMPACT_ATOMS: atom_id res chain seq x y z
N LEU A 8 25.10 -16.12 -23.02
CA LEU A 8 26.23 -17.02 -23.29
C LEU A 8 27.53 -16.26 -23.04
N SER A 9 28.18 -16.56 -21.91
CA SER A 9 29.32 -15.80 -21.40
C SER A 9 28.65 -14.51 -20.89
N ARG A 10 28.85 -14.19 -19.61
CA ARG A 10 28.22 -13.03 -19.01
C ARG A 10 28.68 -11.75 -19.68
N TYR A 11 29.98 -11.69 -19.94
CA TYR A 11 30.58 -10.51 -20.54
C TYR A 11 30.18 -10.37 -21.98
N GLU A 12 29.90 -11.51 -22.59
CA GLU A 12 29.51 -11.60 -23.98
C GLU A 12 28.08 -11.13 -24.12
N LYS A 13 27.23 -11.61 -23.23
CA LYS A 13 25.82 -11.21 -23.22
C LYS A 13 25.79 -9.65 -23.14
N TRP A 14 26.52 -9.14 -22.16
CA TRP A 14 26.61 -7.71 -21.91
C TRP A 14 26.99 -6.99 -23.21
N GLU A 15 28.14 -7.35 -23.76
CA GLU A 15 28.60 -6.72 -25.02
C GLU A 15 27.62 -6.73 -26.17
N LYS A 16 26.94 -7.84 -26.34
CA LYS A 16 25.93 -7.98 -27.40
C LYS A 16 24.75 -7.02 -27.21
N ILE A 17 24.28 -6.91 -25.98
CA ILE A 17 23.09 -6.08 -25.71
C ILE A 17 23.49 -4.63 -25.88
N LYS A 18 24.66 -4.28 -25.34
CA LYS A 18 25.19 -2.96 -25.52
C LYS A 18 25.27 -2.54 -26.98
N GLN A 19 25.83 -3.42 -27.83
CA GLN A 19 25.98 -3.14 -29.27
C GLN A 19 24.63 -2.92 -29.97
N HIS A 20 23.64 -3.76 -29.65
CA HIS A 20 22.28 -3.64 -30.17
C HIS A 20 21.74 -2.24 -29.93
N TYR A 21 22.11 -1.66 -28.79
CA TYR A 21 21.64 -0.35 -28.35
C TYR A 21 22.61 0.81 -28.57
N GLN A 22 23.80 0.49 -29.06
CA GLN A 22 24.88 1.46 -29.24
C GLN A 22 24.50 2.76 -29.98
N HIS A 23 23.90 2.63 -31.17
CA HIS A 23 23.44 3.79 -31.94
C HIS A 23 22.46 4.61 -31.12
N TRP A 24 21.46 3.92 -30.54
CA TRP A 24 20.49 4.56 -29.62
C TRP A 24 21.18 5.37 -28.51
N SER A 25 22.19 4.79 -27.85
CA SER A 25 22.93 5.52 -26.80
C SER A 25 23.68 6.74 -27.31
N ASP A 26 24.27 6.59 -28.50
CA ASP A 26 25.03 7.66 -29.14
C ASP A 26 24.15 8.82 -29.57
N SER A 27 22.88 8.52 -29.84
CA SER A 27 21.89 9.55 -30.24
C SER A 27 21.22 10.26 -29.07
N LEU A 28 21.39 9.76 -27.86
CA LEU A 28 20.77 10.42 -26.70
C LEU A 28 21.31 11.83 -26.52
N SER A 29 20.41 12.80 -26.35
CA SER A 29 20.84 14.18 -26.11
C SER A 29 21.32 14.29 -24.68
N GLU A 30 21.89 15.43 -24.34
CA GLU A 30 22.37 15.65 -22.99
C GLU A 30 21.13 15.81 -22.10
N GLU A 31 20.00 16.09 -22.74
CA GLU A 31 18.71 16.22 -22.07
C GLU A 31 18.09 14.86 -21.74
N GLY A 32 18.06 13.96 -22.74
CA GLY A 32 17.50 12.59 -22.60
C GLY A 32 18.38 11.76 -21.69
N ARG A 33 19.65 12.11 -21.68
CA ARG A 33 20.66 11.50 -20.82
C ARG A 33 20.52 11.96 -19.37
N GLY A 34 20.16 13.24 -19.13
CA GLY A 34 19.93 13.73 -17.77
C GLY A 34 18.59 13.22 -17.23
N LEU A 35 17.64 13.01 -18.14
CA LEU A 35 16.35 12.45 -17.76
C LEU A 35 16.50 11.02 -17.19
N LEU A 36 17.23 10.17 -17.90
CA LEU A 36 17.41 8.77 -17.46
C LEU A 36 18.15 8.69 -16.14
N LYS A 37 19.05 9.64 -15.90
CA LYS A 37 19.83 9.73 -14.68
C LYS A 37 18.92 10.14 -13.52
N LYS A 38 18.09 11.15 -13.77
CA LYS A 38 17.03 11.58 -12.82
C LYS A 38 16.11 10.41 -12.50
N LEU A 39 15.77 9.61 -13.52
CA LEU A 39 14.88 8.44 -13.29
C LEU A 39 15.57 7.44 -12.34
N GLN A 40 16.84 7.19 -12.62
CA GLN A 40 17.62 6.28 -11.78
C GLN A 40 17.94 6.82 -10.40
N ILE A 41 18.22 8.12 -10.31
CA ILE A 41 18.56 8.74 -9.04
C ILE A 41 17.66 9.93 -8.74
N PRO A 42 16.63 9.66 -7.96
CA PRO A 42 15.64 10.70 -7.68
C PRO A 42 16.23 11.86 -6.89
N ILE A 43 15.67 13.04 -7.11
CA ILE A 43 16.11 14.24 -6.44
C ILE A 43 15.53 14.33 -5.02
N GLU A 44 16.39 14.17 -4.03
CA GLU A 44 16.01 14.18 -2.63
C GLU A 44 15.94 15.58 -2.05
N PRO A 45 15.02 15.75 -1.12
CA PRO A 45 14.82 17.04 -0.47
C PRO A 45 16.09 17.34 0.33
N LYS A 46 16.49 18.62 0.37
CA LYS A 46 17.63 19.03 1.19
C LYS A 46 17.16 19.25 2.64
N LYS A 47 17.70 18.49 3.59
CA LYS A 47 17.30 18.63 4.97
C LYS A 47 17.42 20.09 5.48
N ASP A 48 18.48 20.76 5.05
CA ASP A 48 18.75 22.15 5.43
C ASP A 48 17.56 22.99 5.12
N ASP A 49 17.28 23.03 3.82
CA ASP A 49 16.20 23.82 3.28
C ASP A 49 14.93 23.58 4.07
N ILE A 50 14.68 22.32 4.41
CA ILE A 50 13.45 22.03 5.13
C ILE A 50 13.45 22.74 6.47
N ILE A 51 14.45 22.40 7.31
CA ILE A 51 14.57 22.95 8.67
C ILE A 51 14.57 24.49 8.68
N HIS A 52 15.27 25.09 7.72
CA HIS A 52 15.33 26.54 7.58
C HIS A 52 13.96 27.15 7.37
N SER A 53 13.06 26.41 6.73
CA SER A 53 11.73 26.91 6.40
C SER A 53 10.77 26.87 7.60
N LEU A 54 11.17 26.18 8.65
CA LEU A 54 10.33 26.06 9.82
C LEU A 54 10.49 27.31 10.71
N SER A 55 9.51 27.54 11.58
CA SER A 55 9.59 28.60 12.59
C SER A 55 10.14 27.93 13.84
N GLN A 56 10.47 28.73 14.85
CA GLN A 56 11.02 28.21 16.12
C GLN A 56 10.09 27.22 16.80
N GLU A 57 8.82 27.56 16.87
CA GLU A 57 7.86 26.65 17.47
C GLU A 57 7.78 25.33 16.72
N GLU A 58 7.73 25.40 15.39
CA GLU A 58 7.66 24.16 14.59
C GLU A 58 8.90 23.32 14.75
N LYS A 59 10.06 23.96 14.84
CA LYS A 59 11.30 23.24 15.12
C LYS A 59 11.19 22.48 16.46
N GLU A 60 10.68 23.17 17.48
CA GLU A 60 10.50 22.58 18.80
C GLU A 60 9.50 21.44 18.74
N LEU A 61 8.44 21.63 17.97
CA LEU A 61 7.47 20.57 17.81
C LEU A 61 8.11 19.38 17.11
N LEU A 62 8.71 19.63 15.96
CA LEU A 62 9.36 18.56 15.21
C LEU A 62 10.37 17.81 16.12
N LYS A 63 11.04 18.60 16.96
CA LYS A 63 12.01 18.06 17.90
C LYS A 63 11.48 17.02 18.88
N ARG A 64 10.32 17.29 19.46
CA ARG A 64 9.74 16.39 20.47
C ARG A 64 8.91 15.27 19.89
N ILE A 65 8.05 15.64 18.93
CA ILE A 65 7.09 14.72 18.32
C ILE A 65 7.51 13.26 18.11
N GLN A 66 6.59 12.35 18.46
CA GLN A 66 6.75 10.91 18.34
C GLN A 66 6.50 10.43 16.90
N ILE A 67 7.43 10.76 16.02
CA ILE A 67 7.36 10.42 14.62
C ILE A 67 6.77 9.04 14.27
N ASP A 68 7.16 8.01 15.02
CA ASP A 68 6.68 6.65 14.74
C ASP A 68 5.21 6.46 15.11
N SER A 69 4.65 7.44 15.82
CA SER A 69 3.24 7.38 16.22
C SER A 69 2.25 7.66 15.06
N SER A 70 2.71 8.40 14.05
CA SER A 70 1.90 8.71 12.87
C SER A 70 1.55 7.45 12.06
N ASP A 71 0.27 7.35 11.67
CA ASP A 71 -0.25 6.19 10.96
C ASP A 71 -0.47 6.46 9.47
N PHE A 72 0.02 7.63 9.03
CA PHE A 72 -0.16 8.08 7.65
C PHE A 72 1.17 8.35 6.90
N LEU A 73 2.28 7.84 7.44
CA LEU A 73 3.60 8.09 6.86
C LEU A 73 4.30 6.81 6.50
N SER A 74 4.98 6.81 5.36
CA SER A 74 5.74 5.63 4.95
C SER A 74 7.00 5.54 5.79
N THR A 75 7.66 4.40 5.75
CA THR A 75 8.91 4.26 6.51
C THR A 75 9.95 5.27 6.08
N GLU A 76 10.10 5.43 4.78
CA GLU A 76 11.06 6.37 4.25
C GLU A 76 10.79 7.80 4.74
N GLU A 77 9.50 8.19 4.76
CA GLU A 77 9.12 9.54 5.23
C GLU A 77 9.29 9.69 6.75
N LYS A 78 9.08 8.58 7.44
CA LYS A 78 9.26 8.52 8.89
C LYS A 78 10.75 8.66 9.16
N GLU A 79 11.56 7.92 8.41
CA GLU A 79 13.01 7.98 8.58
C GLU A 79 13.62 9.36 8.25
N PHE A 80 13.29 9.92 7.08
CA PHE A 80 13.84 11.22 6.71
C PHE A 80 13.51 12.23 7.78
N LEU A 81 12.27 12.15 8.25
CA LEU A 81 11.81 13.05 9.30
C LEU A 81 12.63 12.84 10.59
N LYS A 82 13.02 11.59 10.86
CA LYS A 82 13.83 11.31 12.08
C LYS A 82 15.25 11.88 11.97
N LYS A 83 15.80 11.96 10.76
CA LYS A 83 17.10 12.60 10.59
C LYS A 83 16.95 14.10 10.85
N LEU A 84 15.84 14.67 10.36
CA LEU A 84 15.53 16.07 10.61
C LEU A 84 15.47 16.29 12.12
N GLN A 85 14.89 15.32 12.81
CA GLN A 85 14.73 15.44 14.26
C GLN A 85 16.13 15.50 14.94
N ILE A 86 17.05 14.69 14.44
CA ILE A 86 18.39 14.61 14.99
C ILE A 86 19.13 15.91 14.73
N ASP A 87 19.07 16.36 13.48
CA ASP A 87 19.73 17.60 13.14
C ASP A 87 19.16 18.75 13.99
N ILE A 88 17.86 18.69 14.28
CA ILE A 88 17.26 19.76 15.07
C ILE A 88 17.87 19.77 16.46
N ARG A 89 18.09 18.58 17.02
CA ARG A 89 18.71 18.50 18.33
C ARG A 89 20.21 18.23 18.28
N ASP A 90 20.81 18.24 17.09
CA ASP A 90 22.25 17.96 16.93
C ASP A 90 23.13 19.01 17.61
N SER A 91 22.57 19.69 18.60
CA SER A 91 23.23 20.78 19.30
C SER A 91 22.68 20.85 20.73
N LEU A 92 22.29 19.69 21.24
CA LEU A 92 21.76 19.55 22.59
C LEU A 92 22.61 18.52 23.35
N SER A 93 22.71 18.70 24.67
CA SER A 93 23.54 17.84 25.50
C SER A 93 23.29 16.37 25.20
N GLU A 94 24.31 15.57 25.46
CA GLU A 94 24.19 14.13 25.26
C GLU A 94 23.06 13.63 26.13
N GLU A 95 23.06 14.09 27.37
CA GLU A 95 22.02 13.68 28.31
C GLU A 95 20.65 14.05 27.72
N GLU A 96 20.53 15.28 27.22
CA GLU A 96 19.24 15.75 26.65
C GLU A 96 18.79 14.82 25.53
N LYS A 97 19.75 14.44 24.68
CA LYS A 97 19.52 13.57 23.53
C LYS A 97 19.13 12.17 23.97
N GLU A 98 19.90 11.63 24.91
CA GLU A 98 19.61 10.29 25.44
C GLU A 98 18.25 10.30 26.17
N LEU A 99 18.04 11.33 26.96
CA LEU A 99 16.77 11.45 27.68
C LEU A 99 15.65 11.68 26.67
N LEU A 100 15.81 12.72 25.86
CA LEU A 100 14.79 13.09 24.86
C LEU A 100 14.63 12.07 23.74
N ASN A 101 14.65 10.78 24.08
CA ASN A 101 14.61 9.69 23.11
C ASN A 101 14.51 8.35 23.86
N ARG A 102 14.79 8.42 25.16
CA ARG A 102 14.76 7.22 26.00
C ARG A 102 13.44 7.17 26.79
N ILE A 103 12.35 7.51 26.10
CA ILE A 103 11.00 7.52 26.69
C ILE A 103 10.03 7.07 25.59
N GLN A 104 10.59 6.91 24.39
CA GLN A 104 9.82 6.39 23.26
C GLN A 104 9.62 4.89 23.45
N VAL A 105 10.37 4.29 24.39
CA VAL A 105 10.27 2.87 24.71
C VAL A 105 8.85 2.50 25.17
N ASP A 106 8.39 3.16 26.23
CA ASP A 106 7.02 2.97 26.73
C ASP A 106 6.20 4.13 26.16
N SER A 107 6.50 4.46 24.89
CA SER A 107 5.86 5.57 24.21
C SER A 107 4.88 5.16 23.15
N SER A 108 3.65 5.57 23.36
CA SER A 108 2.58 5.28 22.45
C SER A 108 1.59 6.32 22.87
N ASN A 109 1.38 7.26 21.98
CA ASN A 109 0.44 8.32 22.26
C ASN A 109 0.01 8.76 20.88
N PRO A 110 -1.15 8.23 20.46
CA PRO A 110 -1.73 8.61 19.18
C PRO A 110 -1.54 10.12 19.24
N LEU A 111 -0.91 10.69 18.22
CA LEU A 111 -0.57 12.10 18.30
C LEU A 111 -1.70 13.05 18.63
N SER A 112 -1.31 14.23 19.08
CA SER A 112 -2.26 15.29 19.37
C SER A 112 -2.80 15.72 18.02
N GLU A 113 -3.97 16.34 18.02
CA GLU A 113 -4.55 16.80 16.78
C GLU A 113 -3.57 17.80 16.15
N LYS A 114 -3.02 18.68 16.99
CA LYS A 114 -2.08 19.70 16.51
C LYS A 114 -0.77 19.13 15.99
N GLU A 115 -0.50 17.86 16.30
CA GLU A 115 0.73 17.22 15.85
C GLU A 115 0.54 16.62 14.47
N LYS A 116 -0.63 16.01 14.30
CA LYS A 116 -1.03 15.37 13.06
C LYS A 116 -1.16 16.43 11.97
N GLU A 117 -1.80 17.55 12.30
CA GLU A 117 -2.00 18.62 11.34
C GLU A 117 -0.64 19.08 10.83
N PHE A 118 0.28 19.38 11.76
CA PHE A 118 1.63 19.80 11.40
C PHE A 118 2.30 18.77 10.46
N LEU A 119 2.30 17.49 10.86
CA LEU A 119 2.93 16.47 10.05
C LEU A 119 2.21 16.28 8.72
N LYS A 120 0.90 16.38 8.72
CA LYS A 120 0.16 16.23 7.50
C LYS A 120 0.66 17.23 6.43
N LYS A 121 0.93 18.46 6.85
CA LYS A 121 1.47 19.48 5.96
C LYS A 121 2.95 19.30 5.64
N LEU A 122 3.75 18.92 6.63
CA LEU A 122 5.17 18.72 6.42
C LEU A 122 5.46 17.59 5.42
N LYS A 123 4.53 16.66 5.32
CA LYS A 123 4.68 15.53 4.44
C LYS A 123 4.74 15.98 2.97
N LEU A 124 4.10 17.12 2.68
CA LEU A 124 4.09 17.64 1.33
C LEU A 124 5.46 18.20 0.96
N ASP A 125 6.18 18.73 1.96
CA ASP A 125 7.47 19.35 1.68
C ASP A 125 8.66 18.43 1.68
N ILE A 126 8.48 17.17 2.05
CA ILE A 126 9.60 16.22 2.16
C ILE A 126 9.59 15.11 1.12
N GLN A 127 8.83 15.30 0.07
CA GLN A 127 8.77 14.33 -1.02
C GLN A 127 9.96 14.52 -1.92
N PRO A 128 10.52 13.42 -2.41
CA PRO A 128 11.60 13.50 -3.42
C PRO A 128 10.93 13.55 -4.80
N TYR A 129 11.68 13.98 -5.81
CA TYR A 129 11.17 14.00 -7.16
C TYR A 129 11.55 12.65 -7.75
N ASP A 130 10.58 11.74 -7.74
CA ASP A 130 10.80 10.32 -8.07
C ASP A 130 9.80 9.77 -9.08
N ILE A 131 10.17 9.83 -10.36
CA ILE A 131 9.33 9.38 -11.48
C ILE A 131 8.86 7.96 -11.33
N ASN A 132 9.76 7.07 -11.01
CA ASN A 132 9.35 5.66 -10.85
C ASN A 132 8.37 5.45 -9.70
N GLN A 133 8.52 6.22 -8.63
CA GLN A 133 7.60 6.10 -7.49
C GLN A 133 6.24 6.69 -7.84
N ARG A 134 6.23 7.87 -8.47
CA ARG A 134 4.98 8.47 -8.92
C ARG A 134 4.16 7.48 -9.72
N LEU A 135 4.77 6.86 -10.71
CA LEU A 135 4.12 5.85 -11.55
C LEU A 135 3.62 4.64 -10.74
N GLN A 136 4.45 4.12 -9.84
CA GLN A 136 4.06 3.00 -9.01
C GLN A 136 2.90 3.41 -8.07
N ASP A 137 3.05 4.53 -7.36
CA ASP A 137 2.00 5.00 -6.41
C ASP A 137 0.61 5.22 -7.08
N THR A 138 0.61 5.73 -8.31
CA THR A 138 -0.62 6.00 -9.06
C THR A 138 -1.04 4.87 -9.99
N GLY A 139 -0.21 3.85 -10.13
CA GLY A 139 -0.51 2.74 -11.05
C GLY A 139 -0.52 3.26 -12.52
N GLY A 140 0.18 4.37 -12.79
CA GLY A 140 0.22 4.96 -14.11
C GLY A 140 -0.80 6.09 -14.29
N LEU A 141 -1.75 6.20 -13.35
CA LEU A 141 -2.80 7.23 -13.40
C LEU A 141 -2.28 8.55 -12.91
N ILE A 142 -1.34 9.07 -13.66
CA ILE A 142 -0.59 10.28 -13.33
C ILE A 142 -1.34 11.62 -13.28
N ASP A 143 -2.63 11.63 -13.61
CA ASP A 143 -3.41 12.88 -13.44
C ASP A 143 -4.13 12.87 -12.11
N SER A 144 -3.99 11.79 -11.33
CA SER A 144 -4.64 11.80 -9.98
C SER A 144 -4.16 13.00 -9.18
N PRO A 145 -5.10 13.73 -8.57
CA PRO A 145 -4.76 14.95 -7.87
C PRO A 145 -4.17 14.72 -6.46
N SER A 146 -3.11 13.94 -6.42
CA SER A 146 -2.51 13.55 -5.15
C SER A 146 -1.22 14.27 -4.91
N ILE A 147 -0.90 15.25 -5.77
CA ILE A 147 0.25 16.09 -5.63
C ILE A 147 0.04 17.43 -6.33
N ASN A 148 0.84 18.41 -5.93
CA ASN A 148 0.88 19.76 -6.49
C ASN A 148 0.74 19.72 -8.01
N LEU A 149 -0.17 20.54 -8.52
CA LEU A 149 -0.42 20.59 -9.97
C LEU A 149 0.85 20.82 -10.79
N ASP A 150 1.64 21.76 -10.36
CA ASP A 150 2.90 22.06 -11.09
C ASP A 150 3.87 20.87 -11.17
N VAL A 151 4.01 20.14 -10.08
CA VAL A 151 4.84 18.96 -10.02
C VAL A 151 4.17 17.86 -10.81
N ARG A 152 2.86 17.72 -10.62
CA ARG A 152 2.06 16.76 -11.42
C ARG A 152 2.36 16.89 -12.92
N LYS A 153 2.41 18.12 -13.44
CA LYS A 153 2.74 18.36 -14.86
C LYS A 153 4.18 18.04 -15.28
N GLN A 154 5.14 18.29 -14.38
CA GLN A 154 6.54 17.98 -14.68
C GLN A 154 6.69 16.46 -14.78
N TYR A 155 6.05 15.73 -13.90
CA TYR A 155 6.14 14.27 -13.96
C TYR A 155 5.62 13.82 -15.31
N LYS A 156 4.47 14.36 -15.70
CA LYS A 156 3.80 14.02 -16.96
C LYS A 156 4.73 14.20 -18.15
N ARG A 157 5.42 15.34 -18.18
CA ARG A 157 6.35 15.68 -19.25
C ARG A 157 7.55 14.71 -19.27
N ASP A 158 8.15 14.51 -18.09
CA ASP A 158 9.30 13.57 -17.98
C ASP A 158 8.93 12.20 -18.48
N ILE A 159 7.76 11.75 -18.06
CA ILE A 159 7.25 10.42 -18.39
C ILE A 159 7.01 10.34 -19.89
N GLN A 160 6.31 11.32 -20.44
CA GLN A 160 6.12 11.37 -21.91
C GLN A 160 7.45 11.39 -22.63
N ASN A 161 8.37 12.18 -22.12
CA ASN A 161 9.73 12.24 -22.71
C ASN A 161 10.47 10.91 -22.64
N ILE A 162 10.29 10.16 -21.55
CA ILE A 162 11.01 8.89 -21.39
C ILE A 162 10.36 7.81 -22.26
N ASP A 163 9.03 7.81 -22.32
CA ASP A 163 8.31 6.89 -23.22
C ASP A 163 8.82 7.02 -24.67
N ALA A 164 9.08 8.26 -25.10
CA ALA A 164 9.54 8.54 -26.48
C ALA A 164 11.00 8.11 -26.72
N LEU A 165 11.84 8.16 -25.67
CA LEU A 165 13.22 7.66 -25.78
C LEU A 165 13.26 6.11 -25.93
N LEU A 166 12.42 5.43 -25.16
CA LEU A 166 12.38 3.98 -25.15
C LEU A 166 11.58 3.48 -26.32
N HIS A 167 12.13 3.62 -27.50
CA HIS A 167 11.42 3.22 -28.71
C HIS A 167 12.07 1.98 -29.34
N GLN A 168 13.27 1.62 -28.93
CA GLN A 168 13.88 0.47 -29.60
C GLN A 168 13.71 -0.91 -28.95
N SER A 169 12.99 -1.77 -29.65
CA SER A 169 12.73 -3.12 -29.18
C SER A 169 13.95 -3.99 -29.00
N ILE A 170 13.83 -5.00 -28.15
CA ILE A 170 14.93 -5.91 -27.89
C ILE A 170 15.25 -6.78 -29.10
N GLY A 171 14.24 -7.01 -29.93
CA GLY A 171 14.42 -7.77 -31.16
C GLY A 171 14.08 -9.25 -31.12
N SER A 172 13.69 -9.76 -32.28
CA SER A 172 13.35 -11.18 -32.44
C SER A 172 14.58 -12.10 -32.37
N THR A 173 15.77 -11.52 -32.38
CA THR A 173 17.01 -12.30 -32.28
C THR A 173 17.46 -12.54 -30.83
N LEU A 174 17.28 -11.51 -29.99
CA LEU A 174 17.73 -11.52 -28.61
C LEU A 174 16.72 -11.98 -27.56
N TYR A 175 15.44 -11.67 -27.73
CA TYR A 175 14.44 -11.97 -26.70
C TYR A 175 14.56 -13.33 -26.04
N ASN A 176 14.62 -14.38 -26.85
CA ASN A 176 14.67 -15.78 -26.37
C ASN A 176 16.08 -16.29 -26.12
N LYS A 177 17.05 -15.44 -26.37
CA LYS A 177 18.45 -15.78 -26.22
C LYS A 177 19.11 -15.16 -24.98
N ILE A 178 18.30 -14.48 -24.15
CA ILE A 178 18.79 -13.80 -22.95
C ILE A 178 17.73 -13.70 -21.86
N TYR A 179 18.19 -13.86 -20.63
CA TYR A 179 17.35 -13.67 -19.47
C TYR A 179 17.81 -12.34 -18.85
N LEU A 180 16.86 -11.53 -18.36
CA LEU A 180 17.23 -10.34 -17.64
C LEU A 180 16.90 -10.57 -16.19
N TYR A 181 17.53 -9.83 -15.30
CA TYR A 181 17.38 -10.08 -13.87
C TYR A 181 16.96 -8.91 -13.03
N GLU A 182 16.34 -9.21 -11.91
CA GLU A 182 15.93 -8.17 -10.98
C GLU A 182 15.90 -8.66 -9.55
N ASN A 183 16.61 -7.96 -8.68
CA ASN A 183 16.63 -8.30 -7.27
C ASN A 183 15.54 -7.49 -6.63
N MET A 184 14.79 -8.10 -5.73
CA MET A 184 13.73 -7.37 -5.09
C MET A 184 13.54 -7.75 -3.61
N ASN A 185 13.20 -6.74 -2.82
CA ASN A 185 12.89 -6.87 -1.43
C ASN A 185 11.45 -7.33 -1.36
N ILE A 186 11.23 -8.47 -0.68
CA ILE A 186 9.91 -9.01 -0.49
C ILE A 186 8.93 -7.99 0.07
N ASN A 187 9.43 -7.13 0.95
CA ASN A 187 8.59 -6.08 1.51
C ASN A 187 8.08 -5.12 0.45
N ASN A 188 8.60 -5.23 -0.77
CA ASN A 188 8.09 -4.35 -1.84
C ASN A 188 6.77 -4.84 -2.42
N LEU A 189 6.43 -6.09 -2.15
CA LEU A 189 5.17 -6.68 -2.62
C LEU A 189 4.20 -6.96 -1.48
N THR A 190 4.73 -7.55 -0.41
CA THR A 190 3.94 -7.89 0.77
C THR A 190 4.71 -7.55 2.04
N ALA A 191 4.39 -6.42 2.66
CA ALA A 191 5.03 -6.01 3.93
C ALA A 191 4.57 -6.97 5.06
N THR A 192 3.45 -7.63 4.81
CA THR A 192 2.86 -8.61 5.69
C THR A 192 3.70 -9.91 5.66
N LEU A 193 3.54 -10.76 4.63
CA LEU A 193 4.39 -11.96 4.51
C LEU A 193 5.88 -11.65 4.65
N GLY A 194 6.28 -10.46 4.20
CA GLY A 194 7.69 -10.08 4.22
C GLY A 194 8.37 -10.21 5.59
N ALA A 195 7.72 -9.73 6.64
CA ALA A 195 8.27 -9.75 7.99
C ALA A 195 8.08 -11.10 8.72
N ASP A 196 7.94 -12.18 7.95
CA ASP A 196 7.67 -13.51 8.48
C ASP A 196 7.73 -14.55 7.35
N LEU A 197 8.51 -14.28 6.31
CA LEU A 197 8.66 -15.25 5.23
C LEU A 197 10.10 -15.78 5.19
N VAL A 198 10.93 -15.14 6.00
CA VAL A 198 12.29 -15.57 6.16
C VAL A 198 12.22 -16.31 7.47
N ASP A 199 12.56 -17.60 7.44
CA ASP A 199 12.56 -18.46 8.61
C ASP A 199 12.89 -17.70 9.89
N SER A 200 11.90 -17.65 10.79
CA SER A 200 12.09 -16.99 12.08
C SER A 200 13.38 -17.45 12.72
N THR A 201 13.56 -18.77 12.81
CA THR A 201 14.77 -19.32 13.43
C THR A 201 16.02 -19.11 12.57
N ASP A 202 16.15 -19.89 11.49
CA ASP A 202 17.32 -19.72 10.64
C ASP A 202 17.02 -18.73 9.51
N ASN A 203 17.56 -17.54 9.64
CA ASN A 203 17.33 -16.52 8.63
C ASN A 203 17.78 -16.96 7.22
N THR A 204 18.78 -17.85 7.12
CA THR A 204 19.24 -18.28 5.80
C THR A 204 18.28 -19.20 5.10
N LYS A 205 17.07 -19.35 5.67
CA LYS A 205 16.07 -20.22 5.07
C LYS A 205 14.71 -19.55 4.91
N ILE A 206 13.90 -20.14 4.02
CA ILE A 206 12.55 -19.66 3.71
C ILE A 206 11.51 -20.59 4.38
N ASN A 207 10.51 -19.97 5.00
CA ASN A 207 9.41 -20.70 5.62
C ASN A 207 8.58 -21.36 4.51
N ARG A 208 8.60 -22.71 4.44
CA ARG A 208 7.85 -23.42 3.38
C ARG A 208 6.35 -23.18 3.35
N GLY A 209 5.80 -22.89 4.53
CA GLY A 209 4.36 -22.66 4.67
C GLY A 209 3.99 -21.36 3.95
N ILE A 210 4.63 -20.26 4.33
CA ILE A 210 4.35 -19.01 3.66
C ILE A 210 4.64 -19.06 2.14
N PHE A 211 5.85 -19.47 1.78
CA PHE A 211 6.26 -19.61 0.39
C PHE A 211 5.17 -20.24 -0.49
N ASN A 212 4.46 -21.22 0.06
CA ASN A 212 3.40 -21.88 -0.66
C ASN A 212 2.26 -20.86 -0.79
N GLU A 213 2.11 -20.03 0.25
CA GLU A 213 1.09 -18.99 0.29
C GLU A 213 1.39 -18.05 -0.88
N PHE A 214 2.44 -17.24 -0.68
CA PHE A 214 3.00 -16.36 -1.69
C PHE A 214 2.84 -16.92 -3.10
N LYS A 215 3.50 -18.04 -3.35
CA LYS A 215 3.47 -18.72 -4.64
C LYS A 215 2.08 -19.12 -5.15
N LYS A 216 1.24 -19.62 -4.25
CA LYS A 216 -0.06 -20.16 -4.63
C LYS A 216 -0.82 -19.23 -5.54
N ASN A 217 -0.87 -17.97 -5.14
CA ASN A 217 -1.64 -16.97 -5.87
C ASN A 217 -0.83 -15.98 -6.70
N PHE A 218 0.43 -16.30 -6.97
CA PHE A 218 1.27 -15.44 -7.80
C PHE A 218 1.28 -15.94 -9.24
N LYS A 219 0.31 -15.50 -10.02
CA LYS A 219 0.22 -15.90 -11.43
C LYS A 219 0.65 -14.79 -12.41
N TYR A 220 0.34 -13.54 -12.08
CA TYR A 220 0.70 -12.43 -12.99
C TYR A 220 1.10 -11.16 -12.25
N SER A 221 1.80 -10.28 -12.96
CA SER A 221 2.30 -9.08 -12.34
C SER A 221 2.42 -7.97 -13.34
N ILE A 222 2.17 -6.74 -12.90
CA ILE A 222 2.26 -5.64 -13.84
C ILE A 222 3.37 -4.69 -13.42
N SER A 223 3.97 -4.01 -14.38
CA SER A 223 4.89 -2.94 -14.06
C SER A 223 4.30 -1.67 -14.62
N SER A 224 3.87 -0.74 -13.74
CA SER A 224 3.33 0.54 -14.22
C SER A 224 4.42 1.55 -14.26
N ASN A 225 5.58 1.16 -13.76
CA ASN A 225 6.77 2.00 -13.88
C ASN A 225 7.82 1.34 -14.74
N TYR A 226 9.00 1.95 -14.81
CA TYR A 226 10.05 1.48 -15.69
C TYR A 226 10.95 0.57 -14.93
N MET A 227 10.84 -0.74 -15.17
CA MET A 227 11.72 -1.70 -14.52
C MET A 227 13.16 -1.50 -14.91
N ILE A 228 14.06 -1.42 -13.95
CA ILE A 228 15.52 -1.34 -14.27
C ILE A 228 16.15 -2.70 -13.95
N VAL A 229 16.49 -3.44 -15.01
CA VAL A 229 16.91 -4.84 -14.88
C VAL A 229 18.38 -5.04 -15.18
N ASP A 230 18.98 -6.08 -14.60
CA ASP A 230 20.41 -6.34 -14.77
C ASP A 230 20.57 -7.30 -15.95
N ILE A 231 21.50 -7.03 -16.86
CA ILE A 231 21.73 -7.96 -17.96
C ILE A 231 22.26 -9.29 -17.35
N ASN A 232 23.10 -9.20 -16.33
CA ASN A 232 23.60 -10.38 -15.65
C ASN A 232 23.19 -10.34 -14.20
N GLU A 233 22.74 -11.49 -13.70
CA GLU A 233 22.31 -11.63 -12.32
C GLU A 233 23.32 -11.08 -11.34
N ARG A 234 22.83 -10.29 -10.38
CA ARG A 234 23.67 -9.68 -9.36
C ARG A 234 23.44 -10.33 -7.99
N PRO A 235 24.52 -10.48 -7.21
CA PRO A 235 24.37 -11.12 -5.92
C PRO A 235 23.42 -10.28 -5.08
N ALA A 236 22.55 -10.95 -4.33
CA ALA A 236 21.57 -10.27 -3.53
C ALA A 236 22.32 -9.46 -2.50
N LEU A 237 21.70 -8.37 -2.10
CA LEU A 237 22.24 -7.49 -1.10
C LEU A 237 21.61 -7.90 0.22
N ASP A 238 21.24 -6.89 0.99
CA ASP A 238 20.66 -7.11 2.29
C ASP A 238 19.30 -7.80 2.28
N ASN A 239 18.24 -7.01 2.06
CA ASN A 239 16.91 -7.55 2.04
C ASN A 239 16.44 -7.93 0.63
N GLU A 240 17.31 -8.58 -0.14
CA GLU A 240 16.98 -8.96 -1.51
C GLU A 240 16.78 -10.46 -1.61
N ARG A 241 15.65 -10.94 -1.10
CA ARG A 241 15.41 -12.38 -1.12
C ARG A 241 14.67 -12.87 -2.34
N LEU A 242 14.27 -11.93 -3.20
CA LEU A 242 13.61 -12.29 -4.47
C LEU A 242 14.60 -12.06 -5.60
N LYS A 243 14.71 -13.07 -6.45
CA LYS A 243 15.61 -13.01 -7.59
C LYS A 243 14.81 -13.35 -8.84
N TRP A 244 14.37 -12.29 -9.52
CA TRP A 244 13.59 -12.45 -10.77
C TRP A 244 14.50 -12.77 -11.95
N ARG A 245 14.02 -13.68 -12.80
CA ARG A 245 14.67 -14.07 -14.03
C ARG A 245 13.59 -13.81 -15.06
N ILE A 246 13.80 -12.82 -15.89
CA ILE A 246 12.77 -12.33 -16.79
C ILE A 246 13.12 -12.61 -18.24
N GLN A 247 12.10 -12.97 -19.02
CA GLN A 247 12.26 -13.16 -20.45
C GLN A 247 11.34 -12.15 -21.14
N LEU A 248 11.95 -11.35 -22.00
CA LEU A 248 11.27 -10.28 -22.70
C LEU A 248 10.59 -10.77 -23.97
N SER A 249 9.60 -10.03 -24.44
CA SER A 249 8.97 -10.39 -25.69
C SER A 249 9.76 -9.71 -26.79
N PRO A 250 9.73 -10.28 -27.99
CA PRO A 250 10.49 -9.71 -29.11
C PRO A 250 10.21 -8.21 -29.30
N ASP A 251 9.06 -7.73 -28.88
CA ASP A 251 8.69 -6.33 -29.08
C ASP A 251 8.75 -5.40 -27.86
N THR A 252 9.29 -5.92 -26.73
CA THR A 252 9.45 -5.12 -25.53
C THR A 252 10.49 -4.04 -25.81
N ARG A 253 10.12 -2.77 -25.60
CA ARG A 253 11.05 -1.66 -25.79
C ARG A 253 11.88 -1.47 -24.54
N ALA A 254 13.13 -1.04 -24.73
CA ALA A 254 14.11 -0.88 -23.66
C ALA A 254 15.18 0.08 -24.12
N GLY A 255 16.02 0.50 -23.20
CA GLY A 255 17.19 1.33 -23.51
C GLY A 255 18.35 0.72 -22.73
N TYR A 256 19.58 0.92 -23.22
CA TYR A 256 20.77 0.40 -22.53
C TYR A 256 21.16 1.44 -21.49
N LEU A 257 21.47 0.97 -20.28
CA LEU A 257 22.02 1.81 -19.21
C LEU A 257 23.44 1.33 -18.89
N GLU A 258 24.32 2.28 -18.68
CA GLU A 258 25.71 1.98 -18.33
C GLU A 258 25.75 0.99 -17.20
N ASN A 259 26.82 0.22 -17.18
CA ASN A 259 27.01 -0.76 -16.11
C ASN A 259 26.16 -1.99 -16.24
N GLY A 260 25.81 -2.31 -17.48
CA GLY A 260 25.12 -3.55 -17.81
C GLY A 260 23.72 -3.68 -17.30
N LYS A 261 22.91 -2.64 -17.56
CA LYS A 261 21.50 -2.67 -17.19
C LYS A 261 20.65 -2.26 -18.34
N LEU A 262 19.38 -2.60 -18.26
CA LEU A 262 18.40 -2.16 -19.24
C LEU A 262 17.25 -1.45 -18.51
N ILE A 263 16.73 -0.39 -19.09
CA ILE A 263 15.52 0.18 -18.58
C ILE A 263 14.47 -0.32 -19.55
N LEU A 264 13.38 -0.88 -19.04
CA LEU A 264 12.30 -1.33 -19.91
C LEU A 264 11.16 -0.31 -19.91
N GLN A 265 10.37 -0.36 -20.98
CA GLN A 265 9.19 0.49 -21.13
C GLN A 265 8.22 0.21 -19.98
N ARG A 266 7.46 1.22 -19.59
CA ARG A 266 6.45 1.10 -18.51
C ARG A 266 5.20 0.36 -19.04
N ASN A 267 4.26 0.03 -18.16
CA ASN A 267 3.00 -0.65 -18.58
C ASN A 267 3.18 -1.97 -19.29
N ILE A 268 4.01 -2.83 -18.76
CA ILE A 268 4.13 -4.15 -19.39
C ILE A 268 3.45 -5.19 -18.49
N GLY A 269 3.08 -6.31 -19.07
CA GLY A 269 2.49 -7.38 -18.26
C GLY A 269 3.48 -8.50 -18.09
N LEU A 270 3.42 -9.19 -16.97
CA LEU A 270 4.29 -10.35 -16.76
C LEU A 270 3.53 -11.60 -16.30
N GLU A 271 3.87 -12.74 -16.89
CA GLU A 271 3.26 -13.99 -16.50
C GLU A 271 4.23 -14.81 -15.64
N ILE A 272 3.80 -15.09 -14.41
CA ILE A 272 4.65 -15.86 -13.51
C ILE A 272 4.60 -17.32 -14.00
N LYS A 273 5.76 -17.80 -14.46
CA LYS A 273 5.89 -19.11 -15.10
C LYS A 273 6.30 -20.15 -14.09
N ASP A 274 7.23 -19.78 -13.21
CA ASP A 274 7.65 -20.68 -12.15
C ASP A 274 8.21 -19.88 -10.99
N VAL A 275 7.98 -20.39 -9.78
CA VAL A 275 8.51 -19.80 -8.53
C VAL A 275 9.03 -20.99 -7.72
N GLN A 276 10.31 -20.98 -7.41
CA GLN A 276 10.93 -22.05 -6.62
C GLN A 276 11.77 -21.43 -5.52
N ILE A 277 12.21 -22.28 -4.59
CA ILE A 277 13.14 -21.88 -3.57
C ILE A 277 14.47 -22.43 -4.05
N ILE A 278 15.49 -21.58 -4.07
CA ILE A 278 16.79 -21.98 -4.59
C ILE A 278 17.88 -21.54 -3.62
N LYS A 279 19.07 -22.10 -3.81
CA LYS A 279 20.19 -21.79 -2.92
C LYS A 279 21.32 -21.06 -3.62
N GLN A 280 21.75 -19.96 -3.03
CA GLN A 280 22.82 -19.15 -3.56
C GLN A 280 23.72 -18.79 -2.40
N SER A 281 25.02 -19.04 -2.58
CA SER A 281 26.03 -18.73 -1.57
C SER A 281 25.65 -19.13 -0.16
N GLU A 282 25.02 -20.29 0.00
CA GLU A 282 24.65 -20.78 1.33
C GLU A 282 23.41 -20.10 1.96
N LYS A 283 22.70 -19.26 1.21
CA LYS A 283 21.46 -18.66 1.72
C LYS A 283 20.34 -19.02 0.77
N GLU A 284 19.14 -19.10 1.30
CA GLU A 284 17.99 -19.46 0.47
C GLU A 284 17.37 -18.17 -0.11
N TYR A 285 16.95 -18.26 -1.36
CA TYR A 285 16.37 -17.11 -2.06
C TYR A 285 15.17 -17.60 -2.82
N ILE A 286 14.27 -16.69 -3.17
CA ILE A 286 13.13 -17.12 -3.97
C ILE A 286 13.38 -16.69 -5.41
N ARG A 287 13.38 -17.67 -6.32
CA ARG A 287 13.51 -17.40 -7.72
C ARG A 287 12.18 -17.19 -8.40
N ILE A 288 12.05 -16.09 -9.13
CA ILE A 288 10.82 -15.82 -9.84
C ILE A 288 11.08 -15.77 -11.34
N ASP A 289 10.57 -16.77 -12.06
CA ASP A 289 10.71 -16.82 -13.52
C ASP A 289 9.48 -16.20 -14.12
N ALA A 290 9.68 -15.08 -14.84
CA ALA A 290 8.56 -14.41 -15.47
C ALA A 290 8.78 -14.19 -16.95
N LYS A 291 7.69 -14.00 -17.67
CA LYS A 291 7.74 -13.78 -19.11
C LYS A 291 6.93 -12.57 -19.45
N VAL A 292 7.52 -11.68 -20.22
CA VAL A 292 6.80 -10.48 -20.60
C VAL A 292 5.67 -10.81 -21.56
N VAL A 293 4.49 -10.25 -21.30
CA VAL A 293 3.31 -10.40 -22.14
C VAL A 293 2.60 -9.04 -22.20
N PRO A 294 1.64 -8.87 -23.08
CA PRO A 294 0.97 -7.58 -23.14
C PRO A 294 0.18 -7.32 -21.86
N LYS A 295 0.23 -6.09 -21.38
CA LYS A 295 -0.48 -5.75 -20.15
C LYS A 295 -1.97 -6.06 -20.31
N SER A 296 -2.50 -5.73 -21.49
CA SER A 296 -3.90 -5.94 -21.80
C SER A 296 -4.38 -7.39 -21.55
N LYS A 297 -3.51 -8.37 -21.80
CA LYS A 297 -3.84 -9.76 -21.58
C LYS A 297 -3.96 -10.06 -20.08
N ILE A 298 -3.34 -9.23 -19.24
CA ILE A 298 -3.40 -9.38 -17.78
C ILE A 298 -4.55 -8.52 -17.23
N ASP A 299 -4.74 -7.33 -17.80
CA ASP A 299 -5.84 -6.47 -17.43
C ASP A 299 -7.15 -7.21 -17.71
N THR A 300 -7.15 -8.05 -18.73
CA THR A 300 -8.32 -8.86 -19.09
C THR A 300 -8.62 -9.92 -18.04
N LYS A 301 -7.60 -10.58 -17.51
CA LYS A 301 -7.82 -11.55 -16.42
C LYS A 301 -8.41 -10.84 -15.21
N ILE A 302 -7.98 -9.59 -15.00
CA ILE A 302 -8.39 -8.84 -13.81
C ILE A 302 -9.84 -8.40 -13.94
N GLN A 303 -10.19 -7.86 -15.09
CA GLN A 303 -11.56 -7.42 -15.30
C GLN A 303 -12.53 -8.62 -15.21
N GLU A 304 -12.12 -9.77 -15.74
CA GLU A 304 -12.94 -10.97 -15.61
C GLU A 304 -13.11 -11.41 -14.16
N ALA A 305 -12.04 -11.27 -13.36
CA ALA A 305 -12.05 -11.67 -11.93
C ALA A 305 -12.92 -10.69 -11.16
N GLN A 306 -12.93 -9.44 -11.62
CA GLN A 306 -13.80 -8.44 -11.00
C GLN A 306 -15.27 -8.77 -11.20
N LEU A 307 -15.63 -9.13 -12.43
CA LEU A 307 -17.03 -9.42 -12.79
C LEU A 307 -17.53 -10.67 -12.07
N ASN A 308 -16.69 -11.67 -12.01
CA ASN A 308 -16.97 -12.88 -11.29
C ASN A 308 -17.22 -12.64 -9.79
N ILE A 309 -16.35 -11.87 -9.14
CA ILE A 309 -16.48 -11.68 -7.69
C ILE A 309 -17.76 -10.93 -7.33
N ASN A 310 -18.15 -10.01 -8.20
CA ASN A 310 -19.36 -9.22 -8.01
C ASN A 310 -20.60 -10.08 -8.25
N GLN A 311 -20.59 -10.87 -9.31
CA GLN A 311 -21.73 -11.74 -9.57
C GLN A 311 -21.88 -12.76 -8.43
N GLU A 312 -20.75 -13.32 -8.02
CA GLU A 312 -20.70 -14.25 -6.90
C GLU A 312 -21.33 -13.65 -5.63
N TRP A 313 -20.97 -12.38 -5.31
CA TRP A 313 -21.45 -11.71 -4.09
C TRP A 313 -22.82 -11.04 -4.21
N ASN A 314 -23.14 -10.56 -5.40
CA ASN A 314 -24.43 -9.95 -5.65
C ASN A 314 -25.54 -11.00 -5.40
N LYS A 315 -25.20 -12.27 -5.63
CA LYS A 315 -26.14 -13.37 -5.40
C LYS A 315 -26.21 -13.69 -3.90
N ALA A 316 -25.06 -13.98 -3.30
CA ALA A 316 -24.97 -14.23 -1.86
C ALA A 316 -25.58 -13.12 -0.99
N LEU A 317 -25.42 -11.86 -1.38
CA LEU A 317 -25.92 -10.73 -0.59
C LEU A 317 -27.28 -10.24 -1.12
N GLY A 318 -27.81 -10.99 -2.08
CA GLY A 318 -29.10 -10.68 -2.66
C GLY A 318 -29.20 -9.24 -3.11
N LEU A 319 -28.41 -8.91 -4.14
CA LEU A 319 -28.44 -7.58 -4.75
C LEU A 319 -28.64 -7.81 -6.22
N PRO A 320 -29.05 -6.78 -6.97
CA PRO A 320 -29.23 -6.94 -8.42
C PRO A 320 -27.92 -7.38 -9.01
N LYS A 321 -27.95 -8.37 -9.91
CA LYS A 321 -26.72 -8.93 -10.51
C LYS A 321 -25.66 -7.96 -11.02
N TYR A 322 -26.11 -6.89 -11.70
CA TYR A 322 -25.20 -5.92 -12.33
C TYR A 322 -24.55 -4.94 -11.34
N THR A 323 -24.88 -5.08 -10.05
CA THR A 323 -24.36 -4.21 -9.02
C THR A 323 -22.83 -4.23 -8.99
N LYS A 324 -22.26 -3.03 -9.06
CA LYS A 324 -20.81 -2.86 -9.01
C LYS A 324 -20.47 -2.57 -7.53
N LEU A 325 -20.11 -3.62 -6.79
CA LEU A 325 -19.83 -3.45 -5.37
C LEU A 325 -18.33 -3.48 -5.14
N ILE A 326 -17.69 -4.45 -5.78
CA ILE A 326 -16.26 -4.71 -5.64
C ILE A 326 -15.44 -4.21 -6.84
N THR A 327 -14.34 -3.51 -6.53
CA THR A 327 -13.45 -2.93 -7.51
C THR A 327 -12.00 -3.38 -7.21
N PHE A 328 -11.34 -3.89 -8.24
CA PHE A 328 -9.93 -4.35 -8.13
C PHE A 328 -9.15 -3.27 -8.83
N ASN A 329 -8.56 -2.36 -8.04
CA ASN A 329 -7.82 -1.25 -8.65
C ASN A 329 -6.33 -1.63 -8.58
N VAL A 330 -5.96 -2.49 -9.53
CA VAL A 330 -4.69 -3.17 -9.56
C VAL A 330 -3.77 -2.81 -10.68
N HIS A 331 -2.53 -2.40 -10.34
CA HIS A 331 -1.59 -1.95 -11.33
C HIS A 331 -0.12 -2.34 -11.12
N ASN A 332 0.18 -2.95 -10.00
CA ASN A 332 1.56 -3.23 -9.63
C ASN A 332 2.02 -4.68 -9.60
N ARG A 333 3.24 -4.90 -9.18
CA ARG A 333 3.93 -6.17 -9.34
C ARG A 333 3.41 -7.39 -8.58
N TYR A 334 2.49 -7.17 -7.67
CA TYR A 334 1.94 -8.28 -6.92
C TYR A 334 0.47 -8.45 -7.27
N ALA A 335 0.09 -8.02 -8.51
CA ALA A 335 -1.27 -8.02 -9.00
C ALA A 335 -2.18 -9.23 -8.76
N SER A 336 -1.74 -10.41 -9.12
CA SER A 336 -2.61 -11.58 -8.93
C SER A 336 -2.96 -11.80 -7.45
N ASN A 337 -2.01 -11.49 -6.56
CA ASN A 337 -2.25 -11.64 -5.14
C ASN A 337 -3.37 -10.74 -4.64
N ILE A 338 -3.46 -9.51 -5.19
CA ILE A 338 -4.46 -8.57 -4.74
C ILE A 338 -5.83 -9.11 -5.11
N VAL A 339 -5.91 -9.66 -6.31
CA VAL A 339 -7.15 -10.25 -6.78
C VAL A 339 -7.51 -11.47 -5.90
N GLU A 340 -6.60 -12.42 -5.81
CA GLU A 340 -6.78 -13.60 -4.97
C GLU A 340 -7.09 -13.28 -3.49
N SER A 341 -6.41 -12.28 -2.94
CA SER A 341 -6.61 -11.82 -1.57
C SER A 341 -8.06 -11.35 -1.28
N ALA A 342 -8.66 -10.63 -2.22
CA ALA A 342 -10.03 -10.15 -2.08
C ALA A 342 -11.04 -11.29 -1.85
N TYR A 343 -10.80 -12.44 -2.48
CA TYR A 343 -11.71 -13.58 -2.28
C TYR A 343 -11.64 -14.09 -0.85
N LEU A 344 -10.42 -14.27 -0.36
CA LEU A 344 -10.16 -14.73 0.99
C LEU A 344 -10.76 -13.81 2.04
N ILE A 345 -10.59 -12.52 1.83
CA ILE A 345 -11.00 -11.52 2.78
C ILE A 345 -12.51 -11.46 2.91
N LEU A 346 -13.21 -11.50 1.78
CA LEU A 346 -14.66 -11.41 1.79
C LEU A 346 -15.27 -12.73 2.37
N ASN A 347 -14.51 -13.81 2.31
CA ASN A 347 -14.92 -15.07 2.88
C ASN A 347 -14.81 -15.03 4.38
N GLU A 348 -13.69 -14.51 4.86
CA GLU A 348 -13.45 -14.38 6.28
C GLU A 348 -14.50 -13.44 6.86
N TRP A 349 -14.79 -12.39 6.12
CA TRP A 349 -15.78 -11.39 6.51
C TRP A 349 -17.15 -12.06 6.69
N LYS A 350 -17.54 -12.88 5.74
CA LYS A 350 -18.82 -13.60 5.79
C LYS A 350 -18.82 -14.70 6.87
N ASN A 351 -17.69 -15.40 7.03
CA ASN A 351 -17.63 -16.45 8.04
C ASN A 351 -17.52 -15.90 9.44
N ASN A 352 -17.41 -14.58 9.60
CA ASN A 352 -17.23 -14.04 10.95
C ASN A 352 -18.21 -13.01 11.43
N ILE A 353 -19.13 -12.60 10.57
CA ILE A 353 -20.09 -11.58 10.95
C ILE A 353 -21.49 -12.00 10.55
N GLN A 354 -22.46 -11.76 11.45
CA GLN A 354 -23.84 -12.17 11.22
C GLN A 354 -24.29 -11.74 9.85
N SER A 355 -24.87 -12.67 9.11
CA SER A 355 -25.32 -12.41 7.76
C SER A 355 -26.21 -11.20 7.61
N ASP A 356 -27.01 -10.93 8.63
CA ASP A 356 -27.96 -9.81 8.61
C ASP A 356 -27.31 -8.47 8.83
N LEU A 357 -26.15 -8.48 9.48
CA LEU A 357 -25.36 -7.26 9.67
C LEU A 357 -24.73 -6.92 8.32
N ILE A 358 -24.16 -7.92 7.69
CA ILE A 358 -23.55 -7.79 6.37
C ILE A 358 -24.49 -7.24 5.31
N LYS A 359 -25.67 -7.84 5.22
CA LYS A 359 -26.67 -7.42 4.24
C LYS A 359 -27.16 -5.99 4.44
N LYS A 360 -27.52 -5.68 5.66
CA LYS A 360 -28.04 -4.36 6.02
C LYS A 360 -27.05 -3.25 5.78
N VAL A 361 -25.85 -3.39 6.34
CA VAL A 361 -24.79 -2.40 6.12
C VAL A 361 -24.42 -2.35 4.62
N THR A 362 -24.07 -3.50 4.03
CA THR A 362 -23.71 -3.52 2.61
C THR A 362 -24.78 -2.88 1.68
N ASN A 363 -26.04 -2.98 2.07
CA ASN A 363 -27.12 -2.34 1.33
C ASN A 363 -27.10 -0.83 1.48
N TYR A 364 -26.80 -0.40 2.69
CA TYR A 364 -26.67 1.00 2.99
C TYR A 364 -25.54 1.57 2.10
N LEU A 365 -24.39 0.89 2.05
CA LEU A 365 -23.30 1.36 1.19
C LEU A 365 -23.77 1.42 -0.26
N VAL A 366 -24.34 0.33 -0.71
CA VAL A 366 -24.83 0.26 -2.09
C VAL A 366 -25.77 1.43 -2.45
N ASP A 367 -26.61 1.85 -1.51
CA ASP A 367 -27.52 2.99 -1.73
C ASP A 367 -26.81 4.33 -1.93
N GLY A 368 -25.56 4.39 -1.51
CA GLY A 368 -24.76 5.59 -1.68
C GLY A 368 -23.76 5.37 -2.78
N ASN A 369 -23.92 4.27 -3.53
CA ASN A 369 -23.02 3.91 -4.63
C ASN A 369 -21.61 3.61 -4.08
N GLY A 370 -21.58 3.01 -2.91
CA GLY A 370 -20.33 2.69 -2.24
C GLY A 370 -19.63 1.58 -2.93
N ARG A 371 -18.37 1.37 -2.57
CA ARG A 371 -17.57 0.30 -3.13
C ARG A 371 -16.66 -0.32 -2.06
N PHE A 372 -16.19 -1.53 -2.33
CA PHE A 372 -15.13 -2.17 -1.57
C PHE A 372 -13.98 -2.15 -2.61
N VAL A 373 -12.96 -1.36 -2.33
CA VAL A 373 -11.83 -1.20 -3.27
C VAL A 373 -10.59 -1.92 -2.76
N PHE A 374 -10.17 -2.94 -3.50
CA PHE A 374 -9.00 -3.73 -3.20
C PHE A 374 -7.96 -3.21 -4.21
N THR A 375 -6.82 -2.71 -3.71
CA THR A 375 -5.85 -2.03 -4.57
C THR A 375 -4.41 -2.24 -4.22
N ASP A 376 -3.51 -1.97 -5.18
CA ASP A 376 -2.07 -1.92 -4.95
C ASP A 376 -1.49 -0.55 -5.31
N ILE A 377 -2.34 0.48 -5.40
CA ILE A 377 -1.87 1.86 -5.59
C ILE A 377 -2.18 2.63 -4.31
N THR A 378 -1.48 3.73 -4.06
CA THR A 378 -1.72 4.41 -2.79
C THR A 378 -3.12 5.01 -2.66
N LEU A 379 -3.61 5.03 -1.42
CA LEU A 379 -4.99 5.46 -1.20
C LEU A 379 -5.39 6.86 -1.71
N PRO A 380 -4.46 7.82 -1.72
CA PRO A 380 -4.80 9.18 -2.23
C PRO A 380 -5.13 9.13 -3.72
N ASN A 381 -4.70 8.08 -4.39
CA ASN A 381 -5.00 7.92 -5.80
C ASN A 381 -6.26 7.11 -6.10
N ILE A 382 -7.08 6.86 -5.10
CA ILE A 382 -8.35 6.11 -5.29
C ILE A 382 -9.44 7.19 -5.27
N ALA A 383 -10.11 7.34 -6.39
CA ALA A 383 -11.17 8.38 -6.52
C ALA A 383 -12.17 8.37 -5.35
N GLU A 384 -12.51 7.18 -4.85
CA GLU A 384 -13.43 7.07 -3.74
C GLU A 384 -12.97 7.87 -2.53
N GLN A 385 -11.65 8.13 -2.44
CA GLN A 385 -11.13 9.07 -1.42
C GLN A 385 -10.92 10.45 -2.04
N TYR A 386 -10.11 10.54 -3.10
CA TYR A 386 -9.77 11.87 -3.62
C TYR A 386 -10.88 12.77 -4.13
N THR A 387 -11.97 12.19 -4.62
CA THR A 387 -13.06 13.05 -5.09
C THR A 387 -13.76 13.76 -3.93
N HIS A 388 -13.55 13.28 -2.71
CA HIS A 388 -14.12 13.93 -1.53
C HIS A 388 -13.08 14.57 -0.61
N GLN A 389 -11.86 14.74 -1.14
CA GLN A 389 -10.77 15.32 -0.35
C GLN A 389 -9.89 16.18 -1.29
N ASP A 390 -10.27 17.45 -1.41
CA ASP A 390 -9.55 18.37 -2.30
C ASP A 390 -8.17 18.71 -1.74
N GLU A 391 -8.09 18.97 -0.42
CA GLU A 391 -6.82 19.30 0.19
C GLU A 391 -5.88 18.08 0.17
N ILE A 392 -4.79 18.16 -0.60
CA ILE A 392 -3.79 17.08 -0.62
C ILE A 392 -3.32 16.75 0.82
N TYR A 393 -3.14 17.75 1.68
CA TYR A 393 -2.68 17.43 3.03
C TYR A 393 -3.60 16.59 3.91
N GLU A 394 -4.85 16.44 3.48
CA GLU A 394 -5.84 15.68 4.25
C GLU A 394 -5.99 14.33 3.63
N GLN A 395 -5.38 14.14 2.46
CA GLN A 395 -5.47 12.84 1.81
C GLN A 395 -4.56 11.88 2.57
N VAL A 396 -4.97 10.62 2.67
CA VAL A 396 -4.22 9.68 3.47
C VAL A 396 -3.90 8.41 2.74
N HIS A 397 -2.71 7.87 2.98
CA HIS A 397 -2.36 6.55 2.45
C HIS A 397 -2.16 5.70 3.69
N SER A 398 -2.73 4.50 3.73
CA SER A 398 -2.62 3.64 4.89
C SER A 398 -3.11 2.27 4.45
N LYS A 399 -3.07 1.29 5.35
CA LYS A 399 -3.56 -0.06 5.06
C LYS A 399 -5.01 -0.03 4.63
N GLY A 400 -5.83 0.69 5.40
CA GLY A 400 -7.27 0.68 5.14
C GLY A 400 -7.88 2.05 5.35
N LEU A 401 -9.06 2.24 4.78
CA LEU A 401 -9.82 3.48 4.96
C LEU A 401 -11.32 3.29 4.70
N TYR A 402 -12.15 3.96 5.49
CA TYR A 402 -13.58 3.98 5.23
C TYR A 402 -13.89 5.45 4.93
N VAL A 403 -14.47 5.72 3.74
CA VAL A 403 -14.83 7.09 3.37
C VAL A 403 -16.36 7.27 3.40
N PRO A 404 -16.86 7.87 4.47
CA PRO A 404 -18.29 8.14 4.61
C PRO A 404 -18.94 8.80 3.39
N GLU A 405 -18.33 9.86 2.86
CA GLU A 405 -18.86 10.61 1.72
C GLU A 405 -19.13 9.73 0.51
N SER A 406 -18.46 8.59 0.47
CA SER A 406 -18.56 7.76 -0.70
C SER A 406 -18.94 6.37 -0.32
N ARG A 407 -19.20 6.18 0.97
CA ARG A 407 -19.60 4.86 1.49
C ARG A 407 -18.73 3.73 0.98
N SER A 408 -17.42 3.93 1.02
CA SER A 408 -16.52 2.89 0.50
C SER A 408 -15.49 2.46 1.47
N ILE A 409 -15.06 1.22 1.28
CA ILE A 409 -13.95 0.67 2.00
C ILE A 409 -12.77 0.53 1.04
N LEU A 410 -11.66 1.19 1.35
CA LEU A 410 -10.45 1.02 0.58
C LEU A 410 -9.52 0.12 1.38
N LEU A 411 -8.90 -0.84 0.73
CA LEU A 411 -7.99 -1.74 1.39
C LEU A 411 -6.77 -1.94 0.50
N HIS A 412 -5.62 -1.46 0.97
CA HIS A 412 -4.37 -1.49 0.25
C HIS A 412 -3.57 -2.75 0.58
N GLY A 413 -3.35 -3.59 -0.42
CA GLY A 413 -2.66 -4.87 -0.25
C GLY A 413 -1.23 -4.84 0.35
N PRO A 414 -0.28 -4.22 -0.34
CA PRO A 414 1.12 -4.29 0.04
C PRO A 414 1.59 -3.78 1.39
N SER A 415 0.87 -2.82 1.96
CA SER A 415 1.27 -2.25 3.22
C SER A 415 0.92 -3.12 4.42
N LYS A 416 1.36 -2.64 5.59
CA LYS A 416 1.18 -3.34 6.84
C LYS A 416 0.33 -2.46 7.74
N GLY A 417 -0.66 -3.06 8.38
CA GLY A 417 -1.53 -2.30 9.27
C GLY A 417 -1.00 -2.47 10.69
N VAL A 418 -1.44 -1.60 11.57
CA VAL A 418 -1.01 -1.61 12.97
C VAL A 418 -1.52 -2.84 13.73
N GLU A 419 -0.61 -3.76 14.05
CA GLU A 419 -0.93 -4.92 14.86
C GLU A 419 -2.06 -5.76 14.27
N LEU A 420 -1.94 -6.06 12.98
CA LEU A 420 -2.93 -6.89 12.32
C LEU A 420 -2.24 -8.19 11.95
N ARG A 421 -2.99 -9.29 11.94
CA ARG A 421 -2.39 -10.58 11.54
C ARG A 421 -2.50 -10.77 10.03
N ASN A 422 -3.49 -10.10 9.42
CA ASN A 422 -3.77 -10.29 8.03
C ASN A 422 -4.72 -9.21 7.51
N ASP A 423 -4.96 -9.19 6.21
CA ASP A 423 -5.80 -8.19 5.56
C ASP A 423 -7.29 -8.35 5.94
N SER A 424 -7.70 -9.59 6.21
CA SER A 424 -9.10 -9.85 6.58
C SER A 424 -9.45 -9.00 7.77
N GLU A 425 -8.51 -8.94 8.72
CA GLU A 425 -8.73 -8.18 9.95
C GLU A 425 -8.82 -6.70 9.68
N GLY A 426 -8.01 -6.21 8.75
CA GLY A 426 -8.08 -4.78 8.37
C GLY A 426 -9.45 -4.49 7.80
N PHE A 427 -9.92 -5.39 6.96
CA PHE A 427 -11.24 -5.28 6.37
C PHE A 427 -12.38 -5.23 7.39
N ILE A 428 -12.35 -6.13 8.37
CA ILE A 428 -13.38 -6.17 9.40
C ILE A 428 -13.42 -4.87 10.17
N HIS A 429 -12.23 -4.32 10.46
CA HIS A 429 -12.08 -3.04 11.14
C HIS A 429 -12.69 -1.96 10.29
N GLU A 430 -12.45 -1.98 8.97
CA GLU A 430 -13.05 -0.97 8.08
C GLU A 430 -14.57 -1.10 8.10
N PHE A 431 -15.05 -2.34 8.05
CA PHE A 431 -16.50 -2.58 8.11
C PHE A 431 -17.10 -2.01 9.40
N GLY A 432 -16.33 -2.08 10.49
CA GLY A 432 -16.72 -1.44 11.77
C GLY A 432 -17.04 0.02 11.55
N HIS A 433 -16.24 0.71 10.73
CA HIS A 433 -16.50 2.10 10.45
C HIS A 433 -17.80 2.28 9.73
N ALA A 434 -18.09 1.36 8.82
CA ALA A 434 -19.34 1.40 8.04
C ALA A 434 -20.53 1.16 8.97
N VAL A 435 -20.41 0.18 9.86
CA VAL A 435 -21.44 -0.07 10.89
C VAL A 435 -21.72 1.19 11.72
N ASP A 436 -20.65 1.89 12.12
CA ASP A 436 -20.73 3.12 12.88
C ASP A 436 -21.56 4.17 12.08
N ASP A 437 -21.21 4.32 10.83
CA ASP A 437 -21.95 5.21 9.91
C ASP A 437 -23.45 4.84 9.86
N TYR A 438 -23.77 3.62 9.44
CA TYR A 438 -25.19 3.20 9.31
C TYR A 438 -26.03 3.42 10.57
N ALA A 439 -25.51 2.93 11.71
CA ALA A 439 -26.20 3.06 12.99
C ALA A 439 -26.57 4.51 13.28
N GLY A 440 -25.59 5.41 13.19
CA GLY A 440 -25.86 6.82 13.43
C GLY A 440 -26.93 7.29 12.46
N TYR A 441 -26.91 6.76 11.25
CA TYR A 441 -27.84 7.16 10.22
C TYR A 441 -29.26 6.73 10.57
N LEU A 442 -29.38 5.47 11.00
CA LEU A 442 -30.65 4.89 11.35
C LEU A 442 -31.32 5.77 12.40
N LEU A 443 -30.56 6.19 13.42
CA LEU A 443 -31.07 7.09 14.47
C LEU A 443 -31.53 8.44 13.93
N ASP A 444 -30.92 8.92 12.85
CA ASP A 444 -31.30 10.22 12.34
C ASP A 444 -31.10 10.43 10.86
N LYS A 445 -32.07 9.98 10.07
CA LYS A 445 -31.98 10.09 8.63
C LYS A 445 -32.01 11.53 8.14
N ASN A 446 -32.54 12.43 8.97
CA ASN A 446 -32.69 13.84 8.58
C ASN A 446 -31.48 14.69 8.93
N GLN A 447 -30.53 14.05 9.59
CA GLN A 447 -29.29 14.71 9.97
C GLN A 447 -28.34 13.58 10.30
N SER A 448 -27.81 12.94 9.25
CA SER A 448 -26.92 11.80 9.44
C SER A 448 -25.62 12.22 10.13
N ASP A 449 -25.24 11.44 11.16
CA ASP A 449 -23.97 11.60 11.85
C ASP A 449 -23.52 10.21 12.26
N LEU A 450 -22.29 10.07 12.74
CA LEU A 450 -21.73 8.77 13.13
C LEU A 450 -22.09 8.45 14.57
N VAL A 451 -22.53 7.21 14.79
CA VAL A 451 -22.91 6.75 16.12
C VAL A 451 -21.91 7.08 17.19
N THR A 452 -20.63 6.99 16.87
CA THR A 452 -19.54 7.28 17.80
C THR A 452 -19.46 8.75 18.16
N ASN A 453 -20.24 9.57 17.48
CA ASN A 453 -20.29 10.99 17.80
C ASN A 453 -21.39 11.24 18.83
N SER A 454 -22.13 10.18 19.17
CA SER A 454 -23.18 10.22 20.20
C SER A 454 -22.58 10.55 21.58
N LYS A 455 -23.31 11.31 22.41
CA LYS A 455 -22.76 11.65 23.74
C LYS A 455 -22.49 10.39 24.54
N LYS A 456 -23.36 9.41 24.37
CA LYS A 456 -23.24 8.13 25.06
C LYS A 456 -21.88 7.50 24.78
N PHE A 457 -21.61 7.18 23.50
CA PHE A 457 -20.32 6.57 23.14
C PHE A 457 -19.13 7.42 23.52
N ILE A 458 -19.26 8.74 23.40
CA ILE A 458 -18.16 9.60 23.76
C ILE A 458 -17.75 9.43 25.22
N ASP A 459 -18.74 9.31 26.09
CA ASP A 459 -18.46 9.10 27.53
C ASP A 459 -17.86 7.74 27.76
N ILE A 460 -18.37 6.74 27.04
CA ILE A 460 -17.88 5.37 27.11
C ILE A 460 -16.44 5.30 26.66
N PHE A 461 -16.10 6.09 25.63
CA PHE A 461 -14.72 6.20 25.15
C PHE A 461 -13.82 6.81 26.22
N LYS A 462 -14.23 7.95 26.76
CA LYS A 462 -13.42 8.62 27.80
C LYS A 462 -13.15 7.71 28.99
N GLU A 463 -13.96 6.66 29.15
CA GLU A 463 -13.76 5.69 30.23
C GLU A 463 -13.03 4.40 29.81
N GLU A 464 -13.47 3.78 28.70
CA GLU A 464 -12.89 2.49 28.27
C GLU A 464 -11.94 2.62 27.10
N GLY A 465 -11.91 3.82 26.50
CA GLY A 465 -11.09 4.11 25.35
C GLY A 465 -9.65 3.56 25.33
N SER A 466 -9.07 3.28 26.49
CA SER A 466 -7.68 2.79 26.48
C SER A 466 -7.52 1.35 26.89
N ASN A 467 -8.65 0.68 27.04
CA ASN A 467 -8.65 -0.69 27.53
C ASN A 467 -8.20 -1.72 26.52
N LEU A 468 -8.48 -1.47 25.24
CA LEU A 468 -8.12 -2.39 24.17
C LEU A 468 -6.82 -2.04 23.46
N THR A 469 -6.75 -2.24 22.14
CA THR A 469 -5.48 -2.02 21.43
C THR A 469 -4.96 -0.60 21.64
N SER A 470 -3.65 -0.42 21.51
CA SER A 470 -3.09 0.92 21.58
C SER A 470 -3.79 1.79 20.54
N TYR A 471 -3.85 1.27 19.30
CA TYR A 471 -4.51 1.94 18.18
C TYR A 471 -5.96 2.32 18.51
N GLY A 472 -6.59 1.56 19.42
CA GLY A 472 -7.95 1.89 19.87
C GLY A 472 -8.06 3.27 20.54
N ARG A 473 -6.95 3.77 21.06
CA ARG A 473 -6.98 5.06 21.78
C ARG A 473 -7.03 6.32 20.90
N THR A 474 -6.63 6.21 19.64
CA THR A 474 -6.58 7.31 18.68
C THR A 474 -7.75 8.27 18.77
N ASN A 475 -8.97 7.74 18.75
CA ASN A 475 -10.15 8.55 18.89
C ASN A 475 -11.37 7.62 18.97
N GLU A 476 -12.54 8.19 19.22
CA GLU A 476 -13.75 7.40 19.40
C GLU A 476 -13.98 6.49 18.21
N ALA A 477 -13.93 7.05 17.01
CA ALA A 477 -14.21 6.28 15.79
C ALA A 477 -13.40 5.02 15.69
N GLU A 478 -12.09 5.14 15.87
CA GLU A 478 -11.14 4.03 15.80
C GLU A 478 -11.30 3.03 16.93
N PHE A 479 -11.64 3.54 18.11
CA PHE A 479 -11.85 2.69 19.28
C PHE A 479 -13.01 1.73 18.94
N PHE A 480 -14.14 2.29 18.50
CA PHE A 480 -15.30 1.51 18.09
C PHE A 480 -14.93 0.47 17.01
N ALA A 481 -14.16 0.90 16.01
CA ALA A 481 -13.78 0.03 14.90
C ALA A 481 -12.90 -1.12 15.38
N GLU A 482 -11.97 -0.81 16.28
CA GLU A 482 -11.05 -1.81 16.87
C GLU A 482 -11.78 -2.83 17.78
N ALA A 483 -12.71 -2.34 18.60
CA ALA A 483 -13.50 -3.22 19.44
C ALA A 483 -14.33 -4.10 18.53
N PHE A 484 -14.97 -3.47 17.53
CA PHE A 484 -15.78 -4.21 16.53
C PHE A 484 -14.99 -5.31 15.84
N ARG A 485 -13.74 -5.01 15.51
CA ARG A 485 -12.86 -5.99 14.87
C ARG A 485 -12.55 -7.13 15.81
N LEU A 486 -12.16 -6.79 17.04
CA LEU A 486 -11.77 -7.80 18.03
C LEU A 486 -12.93 -8.72 18.41
N MET A 487 -14.13 -8.14 18.50
CA MET A 487 -15.35 -8.85 18.82
C MET A 487 -15.70 -9.86 17.73
N HIS A 488 -14.99 -9.78 16.61
CA HIS A 488 -15.22 -10.66 15.48
C HIS A 488 -13.96 -11.40 15.03
N SER A 489 -12.95 -11.40 15.88
CA SER A 489 -11.70 -12.12 15.57
C SER A 489 -12.02 -13.60 15.39
N THR A 490 -11.06 -14.34 14.86
CA THR A 490 -11.23 -15.78 14.73
C THR A 490 -10.76 -16.47 16.01
N ASP A 491 -10.07 -15.69 16.86
CA ASP A 491 -9.57 -16.18 18.15
C ASP A 491 -10.49 -15.72 19.28
N HIS A 492 -11.13 -16.69 19.95
CA HIS A 492 -12.08 -16.41 21.01
C HIS A 492 -11.56 -15.50 22.14
N ALA A 493 -10.32 -15.72 22.56
CA ALA A 493 -9.67 -14.93 23.60
C ALA A 493 -9.90 -13.44 23.36
N GLU A 494 -9.72 -13.04 22.10
CA GLU A 494 -9.89 -11.63 21.70
C GLU A 494 -11.32 -11.17 21.90
N ARG A 495 -12.29 -12.00 21.48
CA ARG A 495 -13.68 -11.67 21.63
C ARG A 495 -14.03 -11.46 23.11
N LEU A 496 -13.42 -12.26 23.98
CA LEU A 496 -13.69 -12.21 25.44
C LEU A 496 -13.11 -10.98 26.16
N LYS A 497 -11.88 -10.63 25.80
CA LYS A 497 -11.18 -9.45 26.36
C LYS A 497 -12.00 -8.19 26.07
N VAL A 498 -12.62 -8.10 24.90
CA VAL A 498 -13.46 -6.92 24.71
C VAL A 498 -14.61 -6.93 25.72
N GLN A 499 -15.37 -8.00 25.77
CA GLN A 499 -16.52 -8.07 26.67
C GLN A 499 -16.04 -7.87 28.12
N LYS A 500 -14.91 -8.50 28.43
CA LYS A 500 -14.25 -8.35 29.72
C LYS A 500 -13.76 -6.93 29.96
N ASN A 501 -12.67 -6.55 29.27
CA ASN A 501 -12.00 -5.26 29.46
C ASN A 501 -12.77 -4.03 29.02
N ALA A 502 -13.83 -4.21 28.24
CA ALA A 502 -14.61 -3.09 27.73
C ALA A 502 -16.09 -3.41 27.57
N PRO A 503 -16.73 -3.74 28.69
CA PRO A 503 -18.15 -4.13 28.71
C PRO A 503 -19.13 -3.07 28.24
N LYS A 504 -18.85 -1.82 28.55
CA LYS A 504 -19.72 -0.73 28.17
C LYS A 504 -19.70 -0.56 26.64
N THR A 505 -18.53 -0.82 26.03
CA THR A 505 -18.32 -0.75 24.58
C THR A 505 -19.00 -1.97 23.90
N PHE A 506 -18.60 -3.17 24.36
CA PHE A 506 -19.21 -4.42 23.92
C PHE A 506 -20.74 -4.31 23.83
N GLN A 507 -21.38 -3.93 24.94
CA GLN A 507 -22.82 -3.82 24.99
C GLN A 507 -23.31 -2.72 24.06
N PHE A 508 -22.55 -1.64 23.97
CA PHE A 508 -22.94 -0.54 23.09
C PHE A 508 -22.94 -0.98 21.60
N ILE A 509 -21.99 -1.84 21.23
CA ILE A 509 -21.89 -2.27 19.84
C ILE A 509 -22.98 -3.30 19.54
N ASN A 510 -23.12 -4.28 20.43
CA ASN A 510 -24.15 -5.32 20.28
C ASN A 510 -25.50 -4.66 20.18
N ASP A 511 -25.66 -3.57 20.91
CA ASP A 511 -26.92 -2.83 20.85
C ASP A 511 -27.07 -2.12 19.50
N GLN A 512 -25.96 -1.68 18.92
CA GLN A 512 -26.01 -1.00 17.63
C GLN A 512 -26.21 -2.03 16.55
N ILE A 513 -25.63 -3.22 16.64
CA ILE A 513 -25.87 -4.36 15.76
C ILE A 513 -27.35 -4.80 15.78
N LYS A 514 -27.91 -4.95 16.99
CA LYS A 514 -29.32 -5.32 17.16
C LYS A 514 -30.22 -4.29 16.50
N PHE A 515 -29.93 -3.01 16.71
CA PHE A 515 -30.75 -1.94 16.13
C PHE A 515 -30.77 -1.98 14.59
N ILE A 516 -29.60 -2.20 13.99
CA ILE A 516 -29.46 -2.33 12.54
C ILE A 516 -30.32 -3.50 12.03
N ILE A 517 -30.12 -4.67 12.64
CA ILE A 517 -30.84 -5.89 12.25
C ILE A 517 -32.37 -5.74 12.34
N ASN A 518 -32.84 -5.05 13.38
CA ASN A 518 -34.28 -4.91 13.62
C ASN A 518 -35.01 -3.88 12.76
N SER A 519 -34.30 -2.84 12.34
CA SER A 519 -34.88 -1.77 11.53
C SER A 519 -35.55 -2.31 10.24
N LEU A 520 -36.56 -1.58 9.76
CA LEU A 520 -37.36 -2.05 8.63
C LEU A 520 -36.97 -1.43 7.27
N VAL A 521 -37.06 -2.25 6.23
CA VAL A 521 -36.68 -1.89 4.86
C VAL A 521 -37.72 -0.95 4.24
#